data_4WT3
#
_entry.id   4WT3
#
_cell.length_a   29.769
_cell.length_b   29.769
_cell.length_c   457.085
_cell.angle_alpha   90.000
_cell.angle_beta   90.000
_cell.angle_gamma   90.000
#
_symmetry.space_group_name_H-M   'P 41 21 2'
#
loop_
_entity.id
_entity.type
_entity.pdbx_description
1 polymer 'Rubisco Accumulation Factor 1, isoform 2'
2 water water
#
_entity_poly.entity_id   1
_entity_poly.type   'polypeptide(L)'
_entity_poly.pdbx_seq_one_letter_code
;QQLYQPFRPPSSPIPTQFRSLDSAGKIEILAGRMALWFEYAPLISSLYTDGFTPPTIEELTGISSIEQNRLIVGAQVRDS
ILQSIHEPELISAFDTGGAELLYEIRLLSTTQRVAAATFIIDRNIDSKGAQDLARAIKDYPNRRGDVGWLDFDYNLPGDC
LSFLYYRQSRENKNPSDQRTSMLLQALGVAESEKAKNRLNTELYGDKEAEKEK
;
_entity_poly.pdbx_strand_id   A
#
# COMPACT_ATOMS: atom_id res chain seq x y z
N SER A 11 6.08 -15.57 13.10
CA SER A 11 5.54 -14.72 12.04
C SER A 11 6.17 -13.33 12.12
N SER A 12 5.72 -12.53 13.09
CA SER A 12 6.32 -11.23 13.38
C SER A 12 7.01 -11.32 14.73
N PRO A 13 7.73 -10.26 15.14
CA PRO A 13 8.45 -10.30 16.42
C PRO A 13 7.60 -9.74 17.56
N ILE A 14 7.47 -10.48 18.66
CA ILE A 14 6.71 -10.01 19.81
C ILE A 14 7.54 -8.99 20.60
N PRO A 15 6.98 -7.80 20.89
CA PRO A 15 7.74 -6.78 21.63
C PRO A 15 8.09 -7.20 23.05
N THR A 16 9.29 -6.83 23.50
CA THR A 16 9.81 -7.22 24.80
C THR A 16 8.77 -7.14 25.90
N GLN A 17 8.11 -5.99 26.02
CA GLN A 17 7.17 -5.72 27.10
C GLN A 17 6.02 -6.74 27.20
N PHE A 18 5.89 -7.59 26.19
CA PHE A 18 4.76 -8.53 26.10
C PHE A 18 5.19 -10.00 25.99
N ARG A 19 6.50 -10.28 25.99
CA ARG A 19 6.95 -11.61 25.61
C ARG A 19 6.78 -12.69 26.69
N SER A 20 6.36 -12.29 27.88
CA SER A 20 6.12 -13.24 28.96
C SER A 20 4.64 -13.23 29.37
N LEU A 21 3.77 -13.04 28.39
CA LEU A 21 2.33 -13.15 28.65
C LEU A 21 1.84 -14.52 28.26
N ASP A 22 0.94 -15.08 29.06
CA ASP A 22 0.20 -16.24 28.63
C ASP A 22 -0.93 -15.74 27.70
N SER A 23 -1.73 -16.65 27.19
CA SER A 23 -2.78 -16.30 26.25
C SER A 23 -3.68 -15.21 26.83
N ALA A 24 -4.08 -15.40 28.09
CA ALA A 24 -5.00 -14.49 28.73
C ALA A 24 -4.49 -13.07 28.74
N GLY A 25 -3.21 -12.87 29.03
CA GLY A 25 -2.61 -11.56 28.98
C GLY A 25 -2.61 -10.94 27.57
N LYS A 26 -2.35 -11.77 26.57
CA LYS A 26 -2.33 -11.31 25.19
C LYS A 26 -3.72 -10.85 24.82
N ILE A 27 -4.71 -11.66 25.19
CA ILE A 27 -6.09 -11.39 24.80
C ILE A 27 -6.65 -10.11 25.43
N GLU A 28 -6.27 -9.88 26.67
CA GLU A 28 -6.74 -8.72 27.42
C GLU A 28 -6.10 -7.47 26.82
N ILE A 29 -4.83 -7.58 26.42
CA ILE A 29 -4.16 -6.46 25.79
C ILE A 29 -4.89 -6.10 24.49
N LEU A 30 -5.12 -7.11 23.65
CA LEU A 30 -5.82 -6.90 22.38
C LEU A 30 -7.23 -6.36 22.58
N ALA A 31 -7.93 -6.82 23.61
CA ALA A 31 -9.27 -6.35 23.89
C ALA A 31 -9.25 -4.87 24.26
N GLY A 32 -8.14 -4.43 24.87
CA GLY A 32 -7.97 -3.04 25.22
C GLY A 32 -7.15 -2.27 24.19
N ARG A 33 -6.77 -2.90 23.08
CA ARG A 33 -5.87 -2.29 22.11
C ARG A 33 -4.71 -1.58 22.81
N MET A 34 -4.20 -2.20 23.86
CA MET A 34 -3.27 -1.52 24.73
C MET A 34 -1.83 -1.48 24.20
N ALA A 35 -1.67 -0.98 22.97
CA ALA A 35 -0.34 -0.73 22.38
C ALA A 35 -0.52 -0.13 20.99
N LEU A 36 0.58 0.17 20.31
CA LEU A 36 0.50 0.56 18.90
C LEU A 36 0.03 -0.64 18.10
N TRP A 37 -0.60 -0.38 16.97
CA TRP A 37 -1.24 -1.46 16.23
C TRP A 37 -0.27 -2.58 15.86
N PHE A 38 0.95 -2.23 15.47
CA PHE A 38 1.91 -3.25 15.04
C PHE A 38 2.59 -3.88 16.22
N GLU A 39 2.30 -3.38 17.42
CA GLU A 39 2.85 -3.97 18.63
C GLU A 39 1.94 -5.08 19.14
N TYR A 40 0.63 -4.95 18.95
CA TYR A 40 -0.26 -6.02 19.37
C TYR A 40 -0.57 -6.99 18.23
N ALA A 41 -0.13 -6.66 17.02
CA ALA A 41 -0.34 -7.56 15.90
C ALA A 41 0.34 -8.95 16.06
N PRO A 42 1.64 -8.98 16.40
CA PRO A 42 2.26 -10.28 16.62
C PRO A 42 1.58 -11.09 17.75
N LEU A 43 0.91 -10.42 18.68
CA LEU A 43 0.21 -11.15 19.75
C LEU A 43 -0.89 -11.96 19.09
N ILE A 44 -1.40 -11.50 17.95
CA ILE A 44 -2.49 -12.20 17.30
C ILE A 44 -1.94 -13.48 16.70
N SER A 45 -0.87 -13.35 15.92
CA SER A 45 -0.13 -14.48 15.36
C SER A 45 0.21 -15.50 16.46
N SER A 46 0.81 -15.01 17.54
CA SER A 46 1.17 -15.85 18.68
C SER A 46 -0.03 -16.62 19.21
N LEU A 47 -1.17 -15.94 19.40
CA LEU A 47 -2.40 -16.57 19.86
C LEU A 47 -2.91 -17.67 18.92
N TYR A 48 -2.78 -17.46 17.62
CA TYR A 48 -3.08 -18.51 16.65
C TYR A 48 -2.37 -19.83 16.99
N THR A 49 -1.08 -19.73 17.27
CA THR A 49 -0.27 -20.90 17.49
C THR A 49 -0.53 -21.49 18.87
N ASP A 50 -1.05 -20.67 19.79
CA ASP A 50 -1.52 -21.18 21.07
C ASP A 50 -2.71 -22.11 20.88
N GLY A 51 -3.37 -22.02 19.73
CA GLY A 51 -4.52 -22.85 19.44
C GLY A 51 -5.83 -22.09 19.42
N PHE A 52 -5.73 -20.76 19.40
CA PHE A 52 -6.89 -19.89 19.30
C PHE A 52 -7.14 -19.49 17.86
N THR A 53 -8.40 -19.57 17.42
CA THR A 53 -8.76 -19.29 16.02
C THR A 53 -9.42 -17.90 15.92
N PRO A 54 -9.35 -17.26 14.74
CA PRO A 54 -9.76 -15.85 14.63
C PRO A 54 -11.18 -15.52 15.11
N PRO A 55 -12.17 -16.40 14.84
CA PRO A 55 -13.55 -16.05 15.24
C PRO A 55 -13.64 -15.87 16.73
N THR A 56 -12.90 -16.69 17.44
CA THR A 56 -13.02 -16.66 18.88
C THR A 56 -12.13 -15.54 19.42
N ILE A 57 -11.16 -15.09 18.62
CA ILE A 57 -10.37 -13.92 19.00
C ILE A 57 -11.19 -12.65 18.75
N GLU A 58 -12.04 -12.65 17.74
CA GLU A 58 -12.93 -11.51 17.50
C GLU A 58 -13.97 -11.44 18.61
N GLU A 59 -14.43 -12.60 19.05
CA GLU A 59 -15.41 -12.69 20.13
C GLU A 59 -14.87 -12.12 21.45
N LEU A 60 -13.56 -12.27 21.69
CA LEU A 60 -12.96 -11.83 22.95
C LEU A 60 -12.31 -10.46 22.95
N THR A 61 -12.03 -9.92 21.77
CA THR A 61 -11.31 -8.67 21.68
C THR A 61 -12.07 -7.65 20.84
N GLY A 62 -12.96 -8.15 19.99
CA GLY A 62 -13.62 -7.32 19.01
C GLY A 62 -12.79 -7.04 17.76
N ILE A 63 -11.61 -7.64 17.64
CA ILE A 63 -10.84 -7.48 16.39
C ILE A 63 -11.41 -8.47 15.40
N SER A 64 -12.12 -7.99 14.39
CA SER A 64 -12.72 -8.87 13.39
C SER A 64 -11.60 -9.69 12.74
N SER A 65 -11.93 -10.89 12.27
CA SER A 65 -10.94 -11.77 11.67
C SER A 65 -10.31 -11.09 10.45
N ILE A 66 -11.02 -10.15 9.83
CA ILE A 66 -10.47 -9.42 8.70
C ILE A 66 -9.45 -8.39 9.16
N GLU A 67 -9.75 -7.65 10.22
CA GLU A 67 -8.82 -6.68 10.75
C GLU A 67 -7.57 -7.39 11.28
N GLN A 68 -7.75 -8.60 11.82
CA GLN A 68 -6.64 -9.38 12.33
C GLN A 68 -5.59 -9.61 11.24
N ASN A 69 -6.06 -10.09 10.08
CA ASN A 69 -5.20 -10.40 8.96
C ASN A 69 -4.51 -9.15 8.45
N ARG A 70 -5.24 -8.05 8.49
N ARG A 70 -5.25 -8.06 8.49
CA ARG A 70 -4.74 -6.79 7.98
CA ARG A 70 -4.77 -6.78 7.99
C ARG A 70 -3.64 -6.24 8.90
C ARG A 70 -3.63 -6.28 8.90
N LEU A 71 -3.81 -6.47 10.19
CA LEU A 71 -2.83 -6.05 11.18
C LEU A 71 -1.56 -6.87 11.08
N ILE A 72 -1.72 -8.19 11.00
CA ILE A 72 -0.58 -9.10 10.93
C ILE A 72 0.23 -8.83 9.66
N VAL A 73 -0.46 -8.80 8.53
CA VAL A 73 0.20 -8.59 7.25
C VAL A 73 0.80 -7.19 7.16
N GLY A 74 0.06 -6.18 7.61
CA GLY A 74 0.59 -4.83 7.66
C GLY A 74 1.86 -4.76 8.48
N ALA A 75 1.89 -5.49 9.59
CA ALA A 75 3.05 -5.44 10.47
C ALA A 75 4.23 -6.08 9.80
N GLN A 76 4.00 -7.18 9.09
CA GLN A 76 5.10 -7.78 8.32
C GLN A 76 5.59 -6.83 7.21
N VAL A 77 4.68 -6.16 6.50
CA VAL A 77 5.11 -5.17 5.51
C VAL A 77 5.95 -4.09 6.20
N ARG A 78 5.48 -3.62 7.34
CA ARG A 78 6.21 -2.60 8.10
C ARG A 78 7.60 -3.09 8.44
N ASP A 79 7.66 -4.30 8.94
CA ASP A 79 8.94 -4.92 9.28
C ASP A 79 9.86 -5.03 8.05
N SER A 80 9.28 -5.27 6.86
CA SER A 80 10.10 -5.33 5.62
C SER A 80 10.84 -4.04 5.42
N ILE A 81 10.12 -2.94 5.56
CA ILE A 81 10.67 -1.64 5.30
C ILE A 81 11.71 -1.30 6.36
N LEU A 82 11.38 -1.62 7.61
CA LEU A 82 12.26 -1.38 8.74
C LEU A 82 13.63 -2.02 8.50
N GLN A 83 13.66 -3.33 8.29
CA GLN A 83 14.91 -4.03 8.00
C GLN A 83 15.64 -3.41 6.79
N SER A 84 14.89 -3.19 5.71
CA SER A 84 15.49 -2.61 4.52
C SER A 84 16.00 -1.22 4.85
N ILE A 85 17.02 -0.76 4.13
CA ILE A 85 17.56 0.55 4.39
C ILE A 85 16.53 1.59 3.89
N HIS A 86 16.31 2.61 4.71
CA HIS A 86 15.12 3.45 4.62
C HIS A 86 15.38 4.73 5.40
N GLU A 87 14.50 5.72 5.23
CA GLU A 87 14.52 6.89 6.09
C GLU A 87 13.70 6.57 7.35
N PRO A 88 14.24 6.85 8.55
CA PRO A 88 13.53 6.46 9.78
C PRO A 88 12.12 7.07 9.90
N GLU A 89 11.94 8.26 9.34
CA GLU A 89 10.68 9.00 9.46
C GLU A 89 9.54 8.29 8.74
N LEU A 90 9.87 7.59 7.66
CA LEU A 90 8.92 6.81 6.89
C LEU A 90 8.10 5.89 7.80
N ILE A 91 8.77 5.14 8.67
CA ILE A 91 8.09 4.21 9.56
C ILE A 91 7.20 4.95 10.55
N SER A 92 7.74 6.02 11.11
CA SER A 92 7.00 6.79 12.09
C SER A 92 5.61 7.16 11.59
N ALA A 93 5.50 7.28 10.27
CA ALA A 93 4.28 7.77 9.65
C ALA A 93 3.13 6.76 9.68
N PHE A 94 3.42 5.50 9.99
CA PHE A 94 2.39 4.47 9.94
C PHE A 94 1.89 4.12 11.33
N ASP A 95 2.43 4.80 12.33
CA ASP A 95 2.08 4.54 13.73
C ASP A 95 0.57 4.54 14.00
N THR A 96 -0.17 5.38 13.30
CA THR A 96 -1.62 5.46 13.48
C THR A 96 -2.36 5.23 12.18
N GLY A 97 -3.08 4.11 12.08
CA GLY A 97 -3.87 3.81 10.90
C GLY A 97 -3.02 3.43 9.70
N GLY A 98 -1.81 2.97 9.95
CA GLY A 98 -0.90 2.60 8.87
C GLY A 98 -1.19 1.21 8.34
N ALA A 99 -1.89 0.40 9.14
CA ALA A 99 -2.18 -0.97 8.75
C ALA A 99 -2.87 -1.04 7.40
N GLU A 100 -3.89 -0.20 7.19
CA GLU A 100 -4.72 -0.32 6.01
C GLU A 100 -3.95 0.08 4.76
N LEU A 101 -2.92 0.90 4.91
CA LEU A 101 -2.11 1.30 3.75
C LEU A 101 -1.04 0.27 3.47
N LEU A 102 -0.38 -0.23 4.51
CA LEU A 102 0.67 -1.19 4.31
C LEU A 102 0.10 -2.50 3.82
N TYR A 103 -1.10 -2.87 4.27
CA TYR A 103 -1.69 -4.08 3.77
C TYR A 103 -1.77 -4.05 2.25
N GLU A 104 -2.13 -2.91 1.70
CA GLU A 104 -2.42 -2.83 0.26
C GLU A 104 -1.19 -3.05 -0.64
N ILE A 105 0.00 -2.79 -0.12
CA ILE A 105 1.23 -2.98 -0.90
C ILE A 105 1.96 -4.29 -0.59
N ARG A 106 1.28 -5.24 0.04
CA ARG A 106 1.93 -6.46 0.50
C ARG A 106 2.46 -7.33 -0.63
N LEU A 107 1.92 -7.20 -1.83
CA LEU A 107 2.34 -8.08 -2.92
C LEU A 107 3.61 -7.58 -3.60
N LEU A 108 4.07 -6.38 -3.24
CA LEU A 108 5.27 -5.83 -3.89
C LEU A 108 6.53 -6.41 -3.27
N SER A 109 7.65 -6.24 -3.96
CA SER A 109 8.94 -6.65 -3.41
C SER A 109 9.33 -5.65 -2.33
N THR A 110 10.39 -5.98 -1.62
CA THR A 110 10.85 -5.14 -0.53
C THR A 110 11.17 -3.75 -1.08
N THR A 111 11.93 -3.69 -2.17
CA THR A 111 12.30 -2.41 -2.74
C THR A 111 11.09 -1.60 -3.16
N GLN A 112 10.13 -2.28 -3.78
CA GLN A 112 8.94 -1.63 -4.22
C GLN A 112 8.13 -1.14 -3.01
N ARG A 113 8.10 -1.93 -1.93
CA ARG A 113 7.35 -1.54 -0.74
C ARG A 113 7.88 -0.24 -0.17
N VAL A 114 9.21 -0.11 -0.09
CA VAL A 114 9.83 1.12 0.42
C VAL A 114 9.44 2.30 -0.47
N ALA A 115 9.54 2.13 -1.77
CA ALA A 115 9.17 3.21 -2.68
C ALA A 115 7.67 3.52 -2.65
N ALA A 116 6.84 2.49 -2.66
CA ALA A 116 5.39 2.73 -2.66
C ALA A 116 4.97 3.43 -1.39
N ALA A 117 5.48 2.97 -0.25
CA ALA A 117 5.12 3.56 1.04
C ALA A 117 5.52 5.02 1.10
N THR A 118 6.71 5.31 0.61
CA THR A 118 7.20 6.68 0.57
C THR A 118 6.21 7.54 -0.21
N PHE A 119 5.77 7.02 -1.35
CA PHE A 119 4.86 7.78 -2.23
C PHE A 119 3.50 8.01 -1.54
N ILE A 120 2.98 6.96 -0.93
CA ILE A 120 1.74 7.02 -0.17
C ILE A 120 1.82 8.10 0.88
N ILE A 121 2.94 8.19 1.58
CA ILE A 121 3.11 9.21 2.60
C ILE A 121 3.24 10.61 2.00
N ASP A 122 4.16 10.80 1.06
CA ASP A 122 4.36 12.11 0.44
C ASP A 122 3.08 12.75 -0.11
N ARG A 123 2.22 11.94 -0.70
CA ARG A 123 1.03 12.45 -1.38
C ARG A 123 -0.28 12.10 -0.67
N ASN A 124 -0.18 11.66 0.57
CA ASN A 124 -1.34 11.41 1.41
C ASN A 124 -2.40 10.55 0.78
N ILE A 125 -1.99 9.41 0.24
CA ILE A 125 -2.90 8.51 -0.45
C ILE A 125 -3.69 7.68 0.55
N ASP A 126 -4.99 7.47 0.28
CA ASP A 126 -5.84 6.67 1.14
C ASP A 126 -5.77 5.19 0.70
N SER A 127 -6.57 4.31 1.28
CA SER A 127 -6.39 2.88 1.06
C SER A 127 -6.73 2.50 -0.37
N LYS A 128 -7.78 3.08 -0.91
CA LYS A 128 -8.19 2.78 -2.26
C LYS A 128 -7.07 3.11 -3.20
N GLY A 129 -6.42 4.24 -2.95
CA GLY A 129 -5.43 4.75 -3.86
C GLY A 129 -4.19 3.90 -3.75
N ALA A 130 -3.95 3.40 -2.55
CA ALA A 130 -2.82 2.56 -2.30
C ALA A 130 -3.05 1.24 -3.03
N GLN A 131 -4.29 0.79 -3.07
CA GLN A 131 -4.59 -0.44 -3.78
C GLN A 131 -4.31 -0.26 -5.27
N ASP A 132 -4.72 0.86 -5.82
CA ASP A 132 -4.52 1.14 -7.23
C ASP A 132 -3.05 1.22 -7.52
N LEU A 133 -2.33 1.96 -6.69
CA LEU A 133 -0.89 2.11 -6.85
C LEU A 133 -0.20 0.76 -6.86
N ALA A 134 -0.53 -0.10 -5.91
CA ALA A 134 0.14 -1.41 -5.81
C ALA A 134 -0.21 -2.26 -7.01
N ARG A 135 -1.48 -2.25 -7.40
CA ARG A 135 -1.89 -2.98 -8.58
C ARG A 135 -1.16 -2.45 -9.84
N ALA A 136 -1.01 -1.12 -9.96
CA ALA A 136 -0.33 -0.54 -11.12
C ALA A 136 1.15 -0.96 -11.21
N ILE A 137 1.83 -0.98 -10.07
CA ILE A 137 3.24 -1.33 -9.99
C ILE A 137 3.43 -2.78 -10.38
N LYS A 138 2.54 -3.63 -9.86
CA LYS A 138 2.61 -5.06 -10.10
C LYS A 138 2.30 -5.38 -11.55
N ASP A 139 1.41 -4.60 -12.16
CA ASP A 139 0.96 -4.85 -13.52
C ASP A 139 1.90 -4.32 -14.61
N TYR A 140 2.68 -3.29 -14.29
CA TYR A 140 3.43 -2.56 -15.30
C TYR A 140 4.26 -3.46 -16.22
N PRO A 141 4.98 -4.43 -15.65
CA PRO A 141 5.89 -5.19 -16.51
C PRO A 141 5.16 -5.98 -17.57
N ASN A 142 3.91 -6.33 -17.30
CA ASN A 142 3.11 -7.12 -18.23
C ASN A 142 2.56 -6.31 -19.39
N ARG A 143 2.80 -4.99 -19.39
CA ARG A 143 2.22 -4.09 -20.39
C ARG A 143 3.24 -3.63 -21.43
N ARG A 144 4.34 -4.36 -21.52
CA ARG A 144 5.45 -4.03 -22.39
C ARG A 144 5.02 -3.63 -23.81
N GLY A 145 4.05 -4.34 -24.36
CA GLY A 145 3.63 -4.06 -25.72
C GLY A 145 2.86 -2.76 -25.94
N ASP A 146 2.41 -2.14 -24.85
CA ASP A 146 1.45 -1.06 -24.93
C ASP A 146 2.05 0.29 -25.39
N VAL A 147 1.26 1.02 -26.16
CA VAL A 147 1.59 2.37 -26.56
C VAL A 147 2.03 3.25 -25.38
N GLY A 148 3.20 3.88 -25.50
CA GLY A 148 3.66 4.84 -24.49
C GLY A 148 4.43 4.27 -23.31
N TRP A 149 4.48 2.93 -23.21
CA TRP A 149 5.10 2.22 -22.11
C TRP A 149 6.53 2.71 -21.81
N LEU A 150 7.28 3.01 -22.86
CA LEU A 150 8.68 3.41 -22.67
C LEU A 150 8.83 4.79 -22.02
N ASP A 151 7.75 5.56 -21.90
CA ASP A 151 7.85 6.90 -21.34
C ASP A 151 7.67 6.95 -19.84
N PHE A 152 7.45 5.78 -19.23
CA PHE A 152 7.15 5.69 -17.80
C PHE A 152 8.17 4.78 -17.12
N ASP A 153 8.71 5.23 -15.98
CA ASP A 153 9.82 4.55 -15.32
C ASP A 153 9.23 3.55 -14.31
N TYR A 154 9.41 2.26 -14.57
CA TYR A 154 8.93 1.19 -13.70
C TYR A 154 9.39 1.37 -12.26
N ASN A 155 10.56 1.94 -12.07
CA ASN A 155 11.10 2.09 -10.73
C ASN A 155 10.34 3.13 -9.92
N LEU A 156 9.52 3.92 -10.60
CA LEU A 156 8.90 5.06 -9.97
C LEU A 156 7.44 4.76 -9.75
N PRO A 157 7.02 4.68 -8.48
CA PRO A 157 5.63 4.29 -8.21
C PRO A 157 4.60 5.17 -8.90
N GLY A 158 4.82 6.47 -8.89
CA GLY A 158 3.85 7.39 -9.46
C GLY A 158 3.78 7.22 -10.96
N ASP A 159 4.90 6.83 -11.58
CA ASP A 159 4.90 6.57 -13.00
C ASP A 159 4.07 5.32 -13.33
N CYS A 160 4.16 4.29 -12.49
CA CYS A 160 3.39 3.06 -12.69
C CYS A 160 1.91 3.38 -12.61
N LEU A 161 1.55 4.12 -11.60
CA LEU A 161 0.13 4.46 -11.43
C LEU A 161 -0.32 5.37 -12.58
N SER A 162 0.54 6.33 -12.92
CA SER A 162 0.32 7.20 -14.06
C SER A 162 0.07 6.40 -15.33
N PHE A 163 0.88 5.40 -15.58
CA PHE A 163 0.70 4.58 -16.76
C PHE A 163 -0.62 3.82 -16.77
N LEU A 164 -1.06 3.34 -15.60
CA LEU A 164 -2.41 2.73 -15.50
C LEU A 164 -3.51 3.72 -15.88
N TYR A 165 -3.46 4.94 -15.36
CA TYR A 165 -4.48 5.90 -15.72
C TYR A 165 -4.41 6.23 -17.19
N TYR A 166 -3.19 6.35 -17.72
CA TYR A 166 -3.04 6.60 -19.14
C TYR A 166 -3.61 5.47 -19.99
N ARG A 167 -3.34 4.24 -19.62
CA ARG A 167 -3.93 3.09 -20.33
C ARG A 167 -5.46 3.20 -20.33
N GLN A 168 -6.03 3.52 -19.18
CA GLN A 168 -7.48 3.59 -19.05
C GLN A 168 -8.02 4.75 -19.91
N SER A 169 -7.25 5.82 -20.00
CA SER A 169 -7.70 6.94 -20.81
C SER A 169 -7.77 6.58 -22.31
N ARG A 170 -6.91 5.66 -22.77
N ARG A 170 -6.93 5.65 -22.77
CA ARG A 170 -6.89 5.27 -24.20
CA ARG A 170 -6.89 5.28 -24.19
C ARG A 170 -8.08 4.40 -24.56
C ARG A 170 -8.06 4.37 -24.56
N GLU A 171 -8.77 3.88 -23.55
CA GLU A 171 -9.99 3.07 -23.74
C GLU A 171 -11.24 3.95 -23.90
N ASN A 172 -11.17 5.19 -23.45
CA ASN A 172 -12.28 6.10 -23.65
C ASN A 172 -12.26 6.80 -25.02
N LYS A 173 -13.40 7.35 -25.42
CA LYS A 173 -13.45 8.07 -26.70
C LYS A 173 -12.62 9.32 -26.62
N ASN A 174 -12.08 9.75 -27.76
CA ASN A 174 -11.23 10.95 -27.88
C ASN A 174 -11.87 11.85 -28.92
N PRO A 175 -12.40 13.02 -28.53
CA PRO A 175 -12.38 13.61 -27.18
C PRO A 175 -13.51 13.15 -26.29
N SER A 176 -13.27 13.08 -24.99
CA SER A 176 -14.40 12.92 -24.03
C SER A 176 -13.96 13.45 -22.67
N ASP A 177 -14.90 13.77 -21.80
CA ASP A 177 -14.60 14.20 -20.44
C ASP A 177 -13.95 13.08 -19.66
N GLN A 178 -14.36 11.84 -19.95
CA GLN A 178 -13.75 10.69 -19.30
C GLN A 178 -12.26 10.64 -19.63
N ARG A 179 -11.94 10.77 -20.90
CA ARG A 179 -10.54 10.71 -21.36
C ARG A 179 -9.75 11.81 -20.69
N THR A 180 -10.28 13.02 -20.73
CA THR A 180 -9.60 14.19 -20.13
C THR A 180 -9.32 13.98 -18.61
N SER A 181 -10.34 13.55 -17.88
CA SER A 181 -10.23 13.23 -16.45
C SER A 181 -9.18 12.16 -16.19
N MET A 182 -9.13 11.07 -16.97
CA MET A 182 -8.09 10.06 -16.74
C MET A 182 -6.71 10.62 -17.04
N LEU A 183 -6.58 11.41 -18.09
CA LEU A 183 -5.28 12.03 -18.38
C LEU A 183 -4.82 13.01 -17.28
N LEU A 184 -5.74 13.76 -16.72
CA LEU A 184 -5.40 14.66 -15.62
C LEU A 184 -5.03 13.87 -14.36
N GLN A 185 -5.59 12.69 -14.17
CA GLN A 185 -5.20 11.87 -13.04
C GLN A 185 -3.80 11.32 -13.25
N ALA A 186 -3.55 10.90 -14.48
CA ALA A 186 -2.23 10.37 -14.84
C ALA A 186 -1.19 11.41 -14.61
N LEU A 187 -1.53 12.66 -14.91
CA LEU A 187 -0.58 13.77 -14.72
C LEU A 187 -0.35 14.11 -13.24
N GLY A 188 -1.37 13.90 -12.43
CA GLY A 188 -1.27 14.21 -11.02
C GLY A 188 -0.27 13.32 -10.32
N VAL A 189 -0.06 12.11 -10.82
CA VAL A 189 0.82 11.15 -10.11
C VAL A 189 2.13 10.88 -10.82
N ALA A 190 2.25 11.30 -12.09
CA ALA A 190 3.51 11.09 -12.83
C ALA A 190 4.67 11.73 -12.13
N GLU A 191 5.83 11.04 -12.12
CA GLU A 191 7.02 11.55 -11.47
C GLU A 191 8.10 11.93 -12.46
N SER A 192 8.24 11.18 -13.56
CA SER A 192 9.37 11.42 -14.46
C SER A 192 8.99 12.49 -15.49
N GLU A 193 9.98 13.20 -16.02
CA GLU A 193 9.75 14.23 -17.03
C GLU A 193 9.27 13.58 -18.34
N LYS A 194 9.77 12.38 -18.61
CA LYS A 194 9.37 11.66 -19.82
C LYS A 194 7.89 11.31 -19.76
N ALA A 195 7.45 10.89 -18.59
CA ALA A 195 6.01 10.59 -18.44
C ALA A 195 5.17 11.88 -18.55
N LYS A 196 5.59 12.97 -17.93
CA LYS A 196 4.83 14.21 -17.98
C LYS A 196 4.85 14.77 -19.41
N ASN A 197 5.97 14.64 -20.11
CA ASN A 197 6.03 15.06 -21.49
C ASN A 197 4.90 14.42 -22.34
N ARG A 198 4.78 13.09 -22.26
CA ARG A 198 3.78 12.42 -23.10
C ARG A 198 2.39 12.85 -22.72
N LEU A 199 2.17 12.97 -21.43
CA LEU A 199 0.85 13.36 -20.91
C LEU A 199 0.52 14.76 -21.34
N ASN A 200 1.44 15.71 -21.15
CA ASN A 200 1.22 17.07 -21.65
C ASN A 200 0.99 17.12 -23.14
N THR A 201 1.79 16.35 -23.87
CA THR A 201 1.69 16.38 -25.32
C THR A 201 0.27 16.00 -25.75
N GLU A 202 -0.25 14.98 -25.11
CA GLU A 202 -1.52 14.38 -25.56
C GLU A 202 -2.77 15.05 -24.99
N LEU A 203 -2.62 15.68 -23.83
CA LEU A 203 -3.72 16.36 -23.19
C LEU A 203 -3.84 17.76 -23.74
N TYR A 204 -2.70 18.44 -23.90
CA TYR A 204 -2.71 19.84 -24.27
C TYR A 204 -2.40 20.13 -25.76
N GLY A 205 -2.30 19.06 -26.56
CA GLY A 205 -2.06 19.12 -27.99
C GLY A 205 -2.70 20.30 -28.70
N ASP A 206 -1.91 20.98 -29.54
CA ASP A 206 -2.22 22.34 -30.00
C ASP A 206 -3.52 22.53 -30.83
N LYS A 207 -4.55 21.75 -30.52
CA LYS A 207 -5.91 22.15 -30.83
C LYS A 207 -6.26 23.17 -29.77
N GLU A 208 -5.71 22.93 -28.58
CA GLU A 208 -5.80 23.87 -27.45
C GLU A 208 -4.58 24.79 -27.40
#